data_6KLI
#
_entry.id   6KLI
#
_cell.length_a   112.213
_cell.length_b   112.213
_cell.length_c   207.562
_cell.angle_alpha   90.000
_cell.angle_beta   90.000
_cell.angle_gamma   120.000
#
_symmetry.space_group_name_H-M   'P 61 2 2'
#
loop_
_entity.id
_entity.type
_entity.pdbx_description
1 polymer Laccase
2 branched 2-acetamido-2-deoxy-beta-D-glucopyranose-(1-4)-2-acetamido-2-deoxy-beta-D-glucopyranose
3 non-polymer 'COPPER (II) ION'
4 non-polymer 2-acetamido-2-deoxy-beta-D-glucopyranose
5 non-polymer GLYCEROL
6 non-polymer 4-[(1E)-3-hydroxyprop-1-en-1-yl]-2,6-dimethoxyphenol
7 non-polymer 'OXYGEN MOLECULE'
8 water water
#
_entity_poly.entity_id   1
_entity_poly.type   'polypeptide(L)'
_entity_poly.pdbx_seq_one_letter_code
;SRNTHYDFVITETKVTRLCHEKTILAVNGQFPGPTIYARKDDVVIVNVYNQGYKNITLHWHGVDQPRNPWSDGPEYITQC
PIQPGANFTYKIIFTEEEGTLWWHAHSEFDRATVHGAIVIHPKRGTVYPYPKPHKEMPIILGEWWNADVEQILLESQRTG
GDVNISDANTINGQPGDFAPCSKEDTFKMSVEHGKTYLLRVINAGLTNEMFFAVAGHRLTVVGTDGRYLRPFTVDYILIS
PGQTMNMLLEANCATDGSANSRYYMAARPFFTNTAVNVDDKNTTAIVEYTDAPPSASAGPPDSPDLPAMDDIAAATAYTA
QLRSLVTKEHPIDVPMEVDEHMLVTISVNTIPCEPNKTCAGPGNNRLAASLNNVSFMNPTIDILDAYYDSISGVYEPDFP
NKPPFFFNFTAPNPPQDLWFTKRGTKVKVVEYGTILEVVFQDTAILGAESHPMHLHGFSFYVVGRGFGNFDKDKDPATYN
LVDPPYQNTVSVPTGGWAAMRFRAANPGVWFMHCHFDRHTVWGMDTVFIVKNGKGPDAQMMPRPPNMPKC
;
_entity_poly.pdbx_strand_id   A
#
# COMPACT_ATOMS: atom_id res chain seq x y z
N THR A 4 -6.15 20.32 13.76
CA THR A 4 -5.46 19.07 14.07
C THR A 4 -6.33 18.06 14.80
N HIS A 5 -7.66 18.15 14.66
CA HIS A 5 -8.56 17.18 15.28
C HIS A 5 -9.63 16.79 14.28
N TYR A 6 -9.90 15.49 14.19
CA TYR A 6 -10.93 14.97 13.29
C TYR A 6 -11.85 14.03 14.05
N ASP A 7 -13.13 13.99 13.65
CA ASP A 7 -14.06 12.96 14.08
C ASP A 7 -14.33 12.09 12.87
N PHE A 8 -13.96 10.82 12.95
CA PHE A 8 -14.20 9.83 11.90
C PHE A 8 -15.29 8.90 12.39
N VAL A 9 -16.52 9.08 11.90
CA VAL A 9 -17.61 8.18 12.24
C VAL A 9 -17.69 7.10 11.17
N ILE A 10 -17.50 5.84 11.57
CA ILE A 10 -17.68 4.73 10.64
C ILE A 10 -19.18 4.54 10.48
N THR A 11 -19.68 4.69 9.24
CA THR A 11 -21.12 4.69 8.99
C THR A 11 -21.50 3.57 8.03
N GLU A 12 -22.71 3.04 8.23
CA GLU A 12 -23.34 2.22 7.19
C GLU A 12 -23.92 3.16 6.17
N THR A 13 -23.45 3.07 4.93
CA THR A 13 -23.76 4.04 3.90
C THR A 13 -24.20 3.32 2.64
N LYS A 14 -25.36 3.71 2.11
CA LYS A 14 -25.83 3.15 0.85
C LYS A 14 -25.14 3.85 -0.31
N VAL A 15 -24.57 3.08 -1.22
CA VAL A 15 -23.80 3.58 -2.34
C VAL A 15 -24.15 2.75 -3.57
N THR A 16 -24.28 3.41 -4.72
CA THR A 16 -24.53 2.72 -5.98
C THR A 16 -23.39 2.95 -6.95
N ARG A 17 -22.84 1.86 -7.49
CA ARG A 17 -21.93 1.90 -8.63
C ARG A 17 -22.29 0.75 -9.54
N LEU A 18 -22.00 0.92 -10.83
CA LEU A 18 -22.37 -0.09 -11.84
C LEU A 18 -23.85 -0.48 -11.75
N CYS A 19 -24.71 0.44 -11.32
CA CYS A 19 -26.16 0.23 -11.15
C CYS A 19 -26.50 -0.69 -9.99
N HIS A 20 -25.51 -1.08 -9.17
CA HIS A 20 -25.72 -1.97 -8.05
C HIS A 20 -25.62 -1.16 -6.77
N GLU A 21 -26.69 -1.19 -5.96
CA GLU A 21 -26.69 -0.53 -4.67
C GLU A 21 -26.37 -1.52 -3.56
N LYS A 22 -25.53 -1.11 -2.63
CA LYS A 22 -25.28 -1.90 -1.44
C LYS A 22 -24.97 -0.94 -0.30
N THR A 23 -24.99 -1.46 0.92
CA THR A 23 -24.54 -0.69 2.07
C THR A 23 -23.09 -1.05 2.35
N ILE A 24 -22.24 -0.04 2.40
CA ILE A 24 -20.82 -0.22 2.67
C ILE A 24 -20.52 0.44 4.00
N LEU A 25 -19.34 0.13 4.54
CA LEU A 25 -18.77 0.95 5.59
C LEU A 25 -18.08 2.14 4.94
N ALA A 26 -18.33 3.34 5.47
CA ALA A 26 -17.67 4.53 4.99
C ALA A 26 -17.32 5.38 6.20
N VAL A 27 -16.57 6.45 5.99
CA VAL A 27 -16.23 7.36 7.06
C VAL A 27 -16.98 8.66 6.82
N ASN A 28 -17.83 9.03 7.78
CA ASN A 28 -18.64 10.24 7.68
C ASN A 28 -19.47 10.22 6.40
N GLY A 29 -19.92 9.02 6.04
CA GLY A 29 -20.72 8.81 4.84
C GLY A 29 -20.05 9.12 3.53
N GLN A 30 -18.71 9.18 3.50
CA GLN A 30 -17.95 9.54 2.31
C GLN A 30 -17.14 8.35 1.82
N PHE A 31 -17.25 8.07 0.52
CA PHE A 31 -16.49 7.02 -0.14
C PHE A 31 -15.88 7.58 -1.42
N PRO A 32 -14.53 7.69 -1.54
CA PRO A 32 -13.56 7.50 -0.47
C PRO A 32 -13.79 8.49 0.67
N GLY A 33 -13.14 8.26 1.80
CA GLY A 33 -13.34 9.06 2.99
C GLY A 33 -12.61 10.39 2.92
N PRO A 34 -12.78 11.17 3.99
CA PRO A 34 -12.20 12.53 4.04
C PRO A 34 -10.68 12.50 4.01
N THR A 35 -10.10 13.60 3.52
CA THR A 35 -8.66 13.81 3.55
C THR A 35 -8.23 14.41 4.88
N ILE A 36 -7.19 13.85 5.47
CA ILE A 36 -6.53 14.47 6.61
C ILE A 36 -5.46 15.42 6.07
N TYR A 37 -5.50 16.68 6.51
CA TYR A 37 -4.54 17.69 6.13
C TYR A 37 -3.67 18.01 7.34
N ALA A 38 -2.35 17.97 7.15
CA ALA A 38 -1.42 18.27 8.22
C ALA A 38 -0.26 19.05 7.60
N ARG A 39 0.59 19.57 8.48
CA ARG A 39 1.87 20.11 8.08
C ARG A 39 2.96 19.31 8.78
N LYS A 40 4.15 19.31 8.18
CA LYS A 40 5.24 18.50 8.70
C LYS A 40 5.42 18.72 10.20
N ASP A 41 5.56 17.61 10.93
CA ASP A 41 5.75 17.52 12.38
C ASP A 41 4.49 17.81 13.18
N ASP A 42 3.33 17.93 12.56
CA ASP A 42 2.07 18.06 13.30
C ASP A 42 1.77 16.78 14.07
N VAL A 43 0.98 16.93 15.14
CA VAL A 43 0.33 15.80 15.79
C VAL A 43 -1.16 15.96 15.54
N VAL A 44 -1.78 14.94 14.95
CA VAL A 44 -3.20 15.00 14.59
C VAL A 44 -3.95 13.97 15.43
N ILE A 45 -5.11 14.38 15.96
CA ILE A 45 -5.97 13.53 16.76
C ILE A 45 -7.18 13.16 15.92
N VAL A 46 -7.51 11.87 15.85
CA VAL A 46 -8.69 11.40 15.15
C VAL A 46 -9.52 10.57 16.11
N ASN A 47 -10.70 11.06 16.46
CA ASN A 47 -11.63 10.28 17.25
C ASN A 47 -12.43 9.40 16.31
N VAL A 48 -12.33 8.08 16.48
CA VAL A 48 -13.02 7.14 15.61
C VAL A 48 -14.23 6.58 16.35
N TYR A 49 -15.42 6.84 15.83
CA TYR A 49 -16.67 6.34 16.36
C TYR A 49 -17.18 5.24 15.44
N ASN A 50 -17.19 4.01 15.93
CA ASN A 50 -17.66 2.91 15.09
C ASN A 50 -19.17 2.79 15.20
N GLN A 51 -19.89 3.42 14.28
CA GLN A 51 -21.34 3.28 14.22
C GLN A 51 -21.77 2.25 13.18
N GLY A 52 -20.85 1.38 12.75
CA GLY A 52 -21.14 0.40 11.73
C GLY A 52 -21.42 -0.98 12.30
N TYR A 53 -21.53 -1.95 11.40
CA TYR A 53 -22.03 -3.26 11.78
C TYR A 53 -20.94 -4.27 12.14
N LYS A 54 -19.67 -3.88 12.17
CA LYS A 54 -18.63 -4.88 12.42
C LYS A 54 -17.43 -4.25 13.11
N ASN A 55 -16.65 -5.13 13.76
CA ASN A 55 -15.33 -4.78 14.27
C ASN A 55 -14.50 -4.07 13.21
N ILE A 56 -13.70 -3.08 13.61
CA ILE A 56 -12.91 -2.33 12.64
C ILE A 56 -11.72 -1.69 13.36
N THR A 57 -10.66 -1.42 12.60
CA THR A 57 -9.55 -0.58 13.04
C THR A 57 -9.16 0.35 11.90
N LEU A 58 -8.46 1.44 12.25
CA LEU A 58 -7.91 2.34 11.24
C LEU A 58 -6.40 2.43 11.40
N HIS A 59 -5.70 2.62 10.27
CA HIS A 59 -4.25 2.70 10.19
C HIS A 59 -3.85 3.94 9.39
N TRP A 60 -2.77 4.60 9.82
CA TRP A 60 -2.30 5.82 9.16
C TRP A 60 -1.06 5.39 8.36
N HIS A 61 -1.30 5.04 7.10
CA HIS A 61 -0.29 4.32 6.33
C HIS A 61 0.91 5.21 6.05
N GLY A 62 2.11 4.70 6.38
CA GLY A 62 3.33 5.44 6.11
C GLY A 62 3.72 6.44 7.18
N VAL A 63 2.93 6.56 8.24
CA VAL A 63 3.30 7.39 9.38
C VAL A 63 4.09 6.54 10.36
N ASP A 64 5.33 6.94 10.65
CA ASP A 64 6.20 6.17 11.53
C ASP A 64 5.54 5.88 12.87
N GLN A 65 4.83 6.87 13.42
CA GLN A 65 4.27 6.75 14.77
C GLN A 65 5.39 6.45 15.77
N PRO A 66 6.37 7.34 15.92
CA PRO A 66 7.51 7.03 16.81
C PRO A 66 7.06 6.75 18.23
N ARG A 67 7.47 5.59 18.74
CA ARG A 67 7.20 5.11 20.08
C ARG A 67 5.71 4.85 20.32
N ASN A 68 4.89 4.86 19.27
CA ASN A 68 3.44 4.92 19.41
C ASN A 68 2.71 3.86 18.60
N PRO A 69 3.03 2.57 18.80
CA PRO A 69 2.28 1.53 18.05
C PRO A 69 0.83 1.45 18.46
N TRP A 70 0.49 1.99 19.65
CA TRP A 70 -0.87 1.94 20.16
C TRP A 70 -1.86 2.55 19.18
N SER A 71 -1.44 3.56 18.41
CA SER A 71 -2.31 4.21 17.45
C SER A 71 -2.04 3.78 16.00
N ASP A 72 -1.38 2.64 15.81
CA ASP A 72 -0.99 2.23 14.45
C ASP A 72 -2.10 1.47 13.72
N GLY A 73 -2.89 0.66 14.43
CA GLY A 73 -4.11 0.16 13.86
C GLY A 73 -4.24 -1.30 13.42
N PRO A 74 -3.17 -2.00 13.02
CA PRO A 74 -3.40 -3.32 12.40
C PRO A 74 -4.08 -4.29 13.37
N GLU A 75 -5.20 -4.87 12.93
CA GLU A 75 -6.03 -5.69 13.81
C GLU A 75 -5.26 -6.90 14.33
N TYR A 76 -5.32 -7.11 15.66
CA TYR A 76 -4.67 -8.20 16.38
C TYR A 76 -3.15 -8.08 16.37
N ILE A 77 -2.61 -7.00 15.86
CA ILE A 77 -1.17 -6.75 15.92
C ILE A 77 -0.90 -5.69 16.99
N THR A 78 -1.49 -4.49 16.83
CA THR A 78 -1.30 -3.45 17.84
C THR A 78 -2.55 -3.18 18.68
N GLN A 79 -3.68 -3.74 18.29
CA GLN A 79 -4.90 -3.50 19.04
C GLN A 79 -5.90 -4.58 18.71
N CYS A 80 -6.80 -4.83 19.64
CA CYS A 80 -8.01 -5.54 19.29
C CYS A 80 -9.00 -4.55 18.68
N PRO A 81 -10.03 -5.02 17.98
CA PRO A 81 -10.81 -4.11 17.13
C PRO A 81 -11.70 -3.18 17.94
N ILE A 82 -12.06 -2.08 17.29
CA ILE A 82 -13.10 -1.19 17.79
C ILE A 82 -14.44 -1.86 17.51
N GLN A 83 -15.14 -2.25 18.56
CA GLN A 83 -16.38 -2.97 18.38
C GLN A 83 -17.49 -2.03 17.97
N PRO A 84 -18.56 -2.55 17.36
CA PRO A 84 -19.69 -1.68 17.00
C PRO A 84 -20.21 -0.97 18.23
N GLY A 85 -20.42 0.34 18.08
CA GLY A 85 -20.86 1.18 19.18
C GLY A 85 -19.74 1.73 20.04
N ALA A 86 -18.51 1.27 19.86
CA ALA A 86 -17.37 1.73 20.64
C ALA A 86 -16.63 2.82 19.88
N ASN A 87 -15.70 3.47 20.58
CA ASN A 87 -14.90 4.50 19.95
C ASN A 87 -13.45 4.32 20.39
N PHE A 88 -12.56 4.98 19.66
CA PHE A 88 -11.15 4.99 20.05
C PHE A 88 -10.49 6.21 19.46
N THR A 89 -9.64 6.87 20.25
CA THR A 89 -8.95 8.08 19.84
C THR A 89 -7.55 7.72 19.37
N TYR A 90 -7.25 7.99 18.11
CA TYR A 90 -5.92 7.76 17.55
C TYR A 90 -5.12 9.05 17.61
N LYS A 91 -3.85 8.92 18.00
CA LYS A 91 -2.90 10.01 17.94
C LYS A 91 -1.94 9.75 16.78
N ILE A 92 -1.92 10.64 15.80
CA ILE A 92 -1.06 10.49 14.61
C ILE A 92 0.12 11.44 14.78
N ILE A 93 1.33 10.89 14.93
CA ILE A 93 2.53 11.70 15.17
C ILE A 93 3.32 11.75 13.87
N PHE A 94 3.23 12.88 13.17
CA PHE A 94 4.02 13.08 11.96
C PHE A 94 5.41 13.57 12.32
N THR A 95 6.42 13.05 11.64
CA THR A 95 7.78 13.51 11.89
C THR A 95 8.49 13.77 10.57
N GLU A 96 9.11 12.75 9.98
CA GLU A 96 9.91 12.92 8.78
C GLU A 96 9.08 13.02 7.50
N GLU A 97 7.79 12.73 7.56
CA GLU A 97 6.97 12.61 6.36
C GLU A 97 6.53 13.97 5.82
N GLU A 98 6.67 14.15 4.52
CA GLU A 98 6.18 15.37 3.87
C GLU A 98 5.81 15.01 2.45
N GLY A 99 4.53 15.17 2.10
CA GLY A 99 4.07 14.69 0.81
C GLY A 99 2.69 14.07 0.92
N THR A 100 2.47 12.91 0.30
CA THR A 100 1.17 12.25 0.34
C THR A 100 1.29 10.90 1.03
N LEU A 101 0.40 10.64 1.99
CA LEU A 101 0.25 9.32 2.58
C LEU A 101 -1.24 9.02 2.46
N TRP A 102 -1.72 8.02 3.20
CA TRP A 102 -3.15 7.76 3.18
C TRP A 102 -3.50 6.97 4.42
N TRP A 103 -4.80 6.82 4.66
CA TRP A 103 -5.27 6.08 5.82
C TRP A 103 -6.29 5.07 5.35
N HIS A 104 -6.43 3.99 6.12
CA HIS A 104 -7.34 2.95 5.67
C HIS A 104 -7.65 2.01 6.82
N ALA A 105 -8.81 1.37 6.76
CA ALA A 105 -9.11 0.32 7.72
C ALA A 105 -8.01 -0.73 7.67
N HIS A 106 -7.76 -1.38 8.81
CA HIS A 106 -6.73 -2.41 8.84
C HIS A 106 -7.28 -3.67 9.48
N SER A 107 -8.50 -4.01 9.05
CA SER A 107 -9.26 -5.15 9.56
C SER A 107 -9.91 -5.83 8.37
N GLU A 108 -9.63 -7.12 8.20
CA GLU A 108 -10.28 -7.93 7.14
C GLU A 108 -10.13 -7.21 5.80
N PHE A 109 -11.18 -7.10 5.00
CA PHE A 109 -11.11 -6.38 3.73
C PHE A 109 -11.78 -5.00 3.81
N ASP A 110 -11.93 -4.47 5.02
CA ASP A 110 -12.72 -3.26 5.22
C ASP A 110 -12.17 -2.06 4.46
N ARG A 111 -10.85 -2.03 4.21
CA ARG A 111 -10.30 -0.89 3.50
C ARG A 111 -10.75 -0.81 2.04
N ALA A 112 -11.47 -1.82 1.54
CA ALA A 112 -12.02 -1.70 0.18
C ALA A 112 -12.82 -0.41 0.02
N THR A 113 -13.52 0.00 1.07
CA THR A 113 -14.28 1.26 1.05
C THR A 113 -13.84 2.24 2.14
N VAL A 114 -13.17 1.80 3.19
CA VAL A 114 -12.80 2.65 4.32
C VAL A 114 -11.35 3.06 4.11
N HIS A 115 -11.15 4.21 3.44
CA HIS A 115 -9.82 4.73 3.14
C HIS A 115 -9.97 6.17 2.66
N GLY A 116 -8.87 6.91 2.75
CA GLY A 116 -8.84 8.26 2.24
C GLY A 116 -7.41 8.77 2.28
N ALA A 117 -7.24 10.00 1.82
CA ALA A 117 -5.90 10.58 1.65
C ALA A 117 -5.37 11.23 2.93
N ILE A 118 -4.05 11.30 3.02
CA ILE A 118 -3.37 12.17 3.99
C ILE A 118 -2.45 13.09 3.19
N VAL A 119 -2.59 14.39 3.40
CA VAL A 119 -1.75 15.39 2.76
C VAL A 119 -0.91 16.07 3.84
N ILE A 120 0.41 15.99 3.72
CA ILE A 120 1.32 16.63 4.67
C ILE A 120 2.06 17.73 3.93
N HIS A 121 1.67 18.97 4.19
CA HIS A 121 2.28 20.11 3.54
C HIS A 121 3.59 20.49 4.23
N PRO A 122 4.48 21.20 3.55
CA PRO A 122 5.66 21.76 4.23
C PRO A 122 5.23 22.56 5.46
N LYS A 123 6.01 22.47 6.53
CA LYS A 123 5.66 23.24 7.70
C LYS A 123 5.92 24.73 7.45
N ARG A 124 5.31 25.56 8.31
CA ARG A 124 5.42 27.01 8.18
C ARG A 124 6.89 27.42 8.11
N GLY A 125 7.22 28.29 7.16
CA GLY A 125 8.58 28.73 6.97
C GLY A 125 9.40 27.87 6.03
N THR A 126 8.81 26.81 5.46
CA THR A 126 9.48 26.00 4.44
C THR A 126 8.57 25.92 3.22
N VAL A 127 9.14 25.46 2.11
CA VAL A 127 8.40 25.36 0.85
C VAL A 127 8.77 24.05 0.16
N TYR A 128 7.98 23.72 -0.85
CA TYR A 128 8.28 22.60 -1.73
C TYR A 128 9.64 22.80 -2.39
N PRO A 129 10.36 21.71 -2.71
CA PRO A 129 11.57 21.84 -3.52
C PRO A 129 11.29 22.13 -4.98
N TYR A 130 10.04 22.25 -5.38
CA TYR A 130 9.65 22.58 -6.74
C TYR A 130 8.72 23.78 -6.69
N PRO A 131 8.51 24.47 -7.82
CA PRO A 131 7.63 25.65 -7.80
C PRO A 131 6.23 25.26 -7.31
N LYS A 132 5.65 26.14 -6.51
CA LYS A 132 4.36 25.86 -5.88
C LYS A 132 3.29 25.58 -6.92
N PRO A 133 2.66 24.41 -6.90
CA PRO A 133 1.64 24.11 -7.92
C PRO A 133 0.45 25.03 -7.79
N HIS A 134 -0.19 25.31 -8.93
CA HIS A 134 -1.39 26.14 -8.90
C HIS A 134 -2.50 25.46 -8.12
N LYS A 135 -2.73 24.16 -8.34
CA LYS A 135 -3.71 23.40 -7.59
C LYS A 135 -3.17 22.00 -7.34
N GLU A 136 -3.78 21.31 -6.39
CA GLU A 136 -3.39 19.97 -5.97
C GLU A 136 -4.63 19.08 -5.93
N MET A 137 -4.48 17.82 -6.31
CA MET A 137 -5.62 16.93 -6.41
C MET A 137 -5.27 15.49 -6.00
N PRO A 138 -5.84 14.96 -4.91
CA PRO A 138 -5.72 13.52 -4.65
C PRO A 138 -6.36 12.70 -5.76
N ILE A 139 -5.66 11.66 -6.19
CA ILE A 139 -6.12 10.75 -7.23
C ILE A 139 -6.01 9.35 -6.63
N ILE A 140 -7.12 8.83 -6.12
CA ILE A 140 -7.11 7.55 -5.39
C ILE A 140 -7.55 6.45 -6.36
N LEU A 141 -6.66 5.50 -6.62
CA LEU A 141 -7.01 4.34 -7.41
C LEU A 141 -7.56 3.26 -6.48
N GLY A 142 -8.66 2.64 -6.89
CA GLY A 142 -9.26 1.65 -6.02
C GLY A 142 -10.05 0.60 -6.79
N GLU A 143 -10.80 -0.22 -6.06
CA GLU A 143 -11.60 -1.25 -6.66
C GLU A 143 -13.03 -1.18 -6.12
N TRP A 144 -13.95 -1.71 -6.92
CA TRP A 144 -15.34 -1.84 -6.53
C TRP A 144 -15.81 -3.27 -6.80
N TRP A 145 -16.45 -3.87 -5.81
CA TRP A 145 -17.21 -5.11 -6.00
C TRP A 145 -18.70 -4.80 -5.86
N ASN A 146 -19.52 -5.41 -6.71
CA ASN A 146 -20.97 -5.29 -6.53
C ASN A 146 -21.43 -5.99 -5.28
N ALA A 147 -20.89 -7.18 -5.00
CA ALA A 147 -21.17 -7.92 -3.79
C ALA A 147 -20.58 -7.20 -2.57
N ASP A 148 -21.17 -7.47 -1.39
CA ASP A 148 -20.55 -7.03 -0.15
C ASP A 148 -19.14 -7.57 -0.09
N VAL A 149 -18.17 -6.70 0.22
CA VAL A 149 -16.80 -7.19 0.29
C VAL A 149 -16.63 -8.19 1.43
N GLU A 150 -17.40 -8.05 2.50
CA GLU A 150 -17.38 -9.06 3.56
C GLU A 150 -17.74 -10.43 3.03
N GLN A 151 -18.67 -10.49 2.08
CA GLN A 151 -19.09 -11.78 1.51
C GLN A 151 -18.03 -12.32 0.56
N ILE A 152 -17.38 -11.42 -0.20
CA ILE A 152 -16.25 -11.81 -1.04
C ILE A 152 -15.16 -12.47 -0.19
N LEU A 153 -14.82 -11.85 0.94
CA LEU A 153 -13.81 -12.44 1.83
C LEU A 153 -14.30 -13.77 2.42
N LEU A 154 -15.50 -13.78 3.00
CA LEU A 154 -16.00 -14.97 3.67
C LEU A 154 -16.06 -16.17 2.72
N GLU A 155 -16.48 -15.94 1.48
CA GLU A 155 -16.57 -17.05 0.52
C GLU A 155 -15.20 -17.64 0.25
N SER A 156 -14.18 -16.80 0.10
CA SER A 156 -12.84 -17.33 -0.13
C SER A 156 -12.32 -18.04 1.11
N GLN A 157 -12.70 -17.56 2.31
CA GLN A 157 -12.35 -18.26 3.54
C GLN A 157 -13.00 -19.64 3.59
N ARG A 158 -14.25 -19.74 3.11
CA ARG A 158 -14.96 -21.02 3.18
C ARG A 158 -14.42 -22.01 2.16
N THR A 159 -14.23 -21.58 0.90
CA THR A 159 -13.80 -22.51 -0.14
C THR A 159 -12.31 -22.82 -0.08
N GLY A 160 -11.50 -21.91 0.46
CA GLY A 160 -10.07 -22.05 0.30
C GLY A 160 -9.52 -21.70 -1.06
N GLY A 161 -10.35 -21.16 -1.96
CA GLY A 161 -9.94 -20.78 -3.30
C GLY A 161 -9.59 -19.30 -3.39
N ASP A 162 -9.38 -18.85 -4.62
CA ASP A 162 -8.95 -17.48 -4.83
C ASP A 162 -10.09 -16.51 -4.55
N VAL A 163 -9.73 -15.27 -4.25
CA VAL A 163 -10.69 -14.21 -3.99
C VAL A 163 -11.28 -13.75 -5.31
N ASN A 164 -12.60 -13.57 -5.36
CA ASN A 164 -13.24 -13.09 -6.59
C ASN A 164 -12.65 -11.75 -6.99
N ILE A 165 -12.45 -11.57 -8.31
CA ILE A 165 -11.93 -10.30 -8.80
C ILE A 165 -12.98 -9.21 -8.63
N SER A 166 -12.51 -7.99 -8.51
CA SER A 166 -13.42 -6.85 -8.44
C SER A 166 -14.15 -6.68 -9.76
N ASP A 167 -15.26 -5.95 -9.69
CA ASP A 167 -16.06 -5.67 -10.88
C ASP A 167 -15.59 -4.44 -11.63
N ALA A 168 -14.88 -3.52 -10.97
CA ALA A 168 -14.34 -2.35 -11.64
C ALA A 168 -13.12 -1.85 -10.89
N ASN A 169 -12.19 -1.28 -11.64
CA ASN A 169 -11.21 -0.37 -11.07
C ASN A 169 -11.80 1.04 -11.02
N THR A 170 -11.30 1.86 -10.10
CA THR A 170 -11.93 3.15 -9.87
C THR A 170 -10.89 4.24 -9.69
N ILE A 171 -11.31 5.48 -9.98
CA ILE A 171 -10.56 6.69 -9.66
C ILE A 171 -11.46 7.55 -8.79
N ASN A 172 -11.01 7.83 -7.57
CA ASN A 172 -11.79 8.58 -6.59
C ASN A 172 -13.19 7.99 -6.45
N GLY A 173 -13.24 6.67 -6.40
CA GLY A 173 -14.48 5.92 -6.20
C GLY A 173 -15.32 5.74 -7.45
N GLN A 174 -14.88 6.26 -8.60
CA GLN A 174 -15.72 6.29 -9.81
C GLN A 174 -15.08 5.46 -10.92
N PRO A 175 -15.76 4.43 -11.43
CA PRO A 175 -15.15 3.62 -12.49
C PRO A 175 -14.79 4.40 -13.75
N GLY A 176 -15.57 5.41 -14.12
CA GLY A 176 -15.25 6.21 -15.27
C GLY A 176 -16.13 5.93 -16.47
N ASP A 177 -15.66 6.37 -17.63
CA ASP A 177 -16.52 6.47 -18.80
C ASP A 177 -16.90 5.12 -19.42
N PHE A 178 -16.13 4.06 -19.17
CA PHE A 178 -16.29 2.81 -19.91
C PHE A 178 -16.87 1.69 -19.08
N ALA A 179 -17.54 1.99 -17.99
CA ALA A 179 -18.22 1.01 -17.18
C ALA A 179 -19.72 1.28 -17.21
N PRO A 180 -20.56 0.27 -16.97
CA PRO A 180 -22.01 0.51 -17.00
C PRO A 180 -22.44 1.45 -15.89
N CYS A 181 -23.41 2.31 -16.20
CA CYS A 181 -24.04 3.19 -15.21
C CYS A 181 -23.01 4.09 -14.53
N SER A 182 -21.96 4.48 -15.25
CA SER A 182 -20.83 5.20 -14.63
C SER A 182 -20.47 6.51 -15.32
N LYS A 183 -20.84 6.70 -16.59
CA LYS A 183 -20.31 7.82 -17.36
C LYS A 183 -20.79 9.16 -16.80
N GLU A 184 -21.96 9.20 -16.18
CA GLU A 184 -22.49 10.46 -15.66
C GLU A 184 -21.65 11.00 -14.50
N ASP A 185 -21.01 10.13 -13.74
CA ASP A 185 -20.31 10.54 -12.52
C ASP A 185 -18.81 10.28 -12.57
N THR A 186 -18.25 10.01 -13.75
CA THR A 186 -16.81 9.96 -13.95
C THR A 186 -16.12 11.13 -13.24
N PHE A 187 -15.03 10.84 -12.53
CA PHE A 187 -14.30 11.92 -11.85
C PHE A 187 -13.73 12.89 -12.89
N LYS A 188 -13.89 14.19 -12.63
CA LYS A 188 -13.40 15.22 -13.54
C LYS A 188 -12.63 16.27 -12.76
N MET A 189 -11.56 16.78 -13.36
CA MET A 189 -10.85 17.91 -12.78
C MET A 189 -10.61 18.96 -13.85
N SER A 190 -10.75 20.23 -13.46
CA SER A 190 -10.58 21.35 -14.36
C SER A 190 -9.15 21.87 -14.32
N VAL A 191 -8.59 22.20 -15.49
CA VAL A 191 -7.26 22.79 -15.58
C VAL A 191 -7.33 24.05 -16.42
N GLU A 192 -6.46 25.01 -16.10
CA GLU A 192 -6.27 26.21 -16.90
C GLU A 192 -4.97 26.09 -17.69
N HIS A 193 -4.98 26.61 -18.92
CA HIS A 193 -3.78 26.58 -19.74
C HIS A 193 -2.64 27.29 -19.03
N GLY A 194 -1.44 26.68 -19.05
CA GLY A 194 -0.26 27.28 -18.48
C GLY A 194 0.00 27.00 -17.01
N LYS A 195 -0.98 26.48 -16.27
CA LYS A 195 -0.80 26.21 -14.85
C LYS A 195 -0.28 24.79 -14.62
N THR A 196 0.33 24.58 -13.46
CA THR A 196 0.87 23.28 -13.11
C THR A 196 0.09 22.70 -11.93
N TYR A 197 -0.18 21.41 -11.98
CA TYR A 197 -1.04 20.72 -11.03
C TYR A 197 -0.28 19.58 -10.38
N LEU A 198 -0.47 19.43 -9.07
CA LEU A 198 0.15 18.35 -8.32
C LEU A 198 -0.90 17.24 -8.19
N LEU A 199 -0.67 16.13 -8.87
CA LEU A 199 -1.50 14.94 -8.70
C LEU A 199 -0.91 14.11 -7.57
N ARG A 200 -1.71 13.86 -6.53
CA ARG A 200 -1.30 13.03 -5.39
C ARG A 200 -1.96 11.67 -5.57
N VAL A 201 -1.24 10.75 -6.22
CA VAL A 201 -1.78 9.46 -6.62
C VAL A 201 -1.55 8.43 -5.51
N ILE A 202 -2.62 7.73 -5.15
CA ILE A 202 -2.59 6.75 -4.07
C ILE A 202 -3.17 5.47 -4.65
N ASN A 203 -2.48 4.34 -4.49
CA ASN A 203 -3.08 3.06 -4.89
C ASN A 203 -3.71 2.43 -3.66
N ALA A 204 -5.04 2.63 -3.53
CA ALA A 204 -5.85 2.09 -2.46
C ALA A 204 -6.63 0.86 -2.88
N GLY A 205 -6.26 0.25 -4.01
CA GLY A 205 -6.85 -1.02 -4.38
C GLY A 205 -6.32 -2.13 -3.49
N LEU A 206 -6.98 -3.29 -3.59
CA LEU A 206 -6.64 -4.43 -2.76
C LEU A 206 -5.79 -5.46 -3.47
N THR A 207 -5.64 -5.36 -4.79
CA THR A 207 -5.29 -6.56 -5.54
C THR A 207 -4.13 -6.41 -6.52
N ASN A 208 -4.01 -5.28 -7.21
CA ASN A 208 -3.09 -5.19 -8.33
C ASN A 208 -2.23 -3.93 -8.28
N GLU A 209 -0.99 -4.06 -8.74
CA GLU A 209 -0.23 -2.89 -9.17
C GLU A 209 -0.88 -2.30 -10.41
N MET A 210 -0.75 -0.98 -10.60
CA MET A 210 -1.45 -0.28 -11.67
C MET A 210 -0.51 0.59 -12.47
N PHE A 211 -0.67 0.57 -13.79
CA PHE A 211 -0.16 1.62 -14.67
C PHE A 211 -1.14 2.79 -14.71
N PHE A 212 -0.60 4.00 -14.83
CA PHE A 212 -1.41 5.20 -14.78
C PHE A 212 -0.80 6.23 -15.71
N ALA A 213 -1.64 6.97 -16.43
CA ALA A 213 -1.17 7.98 -17.37
C ALA A 213 -2.29 8.97 -17.65
N VAL A 214 -1.89 10.12 -18.19
CA VAL A 214 -2.84 11.17 -18.60
C VAL A 214 -2.58 11.47 -20.07
N ALA A 215 -3.61 11.31 -20.90
CA ALA A 215 -3.48 11.58 -22.32
C ALA A 215 -2.92 12.97 -22.53
N GLY A 216 -1.92 13.07 -23.41
CA GLY A 216 -1.37 14.33 -23.86
C GLY A 216 -0.49 15.06 -22.87
N HIS A 217 -0.22 14.49 -21.70
CA HIS A 217 0.48 15.20 -20.65
C HIS A 217 1.56 14.32 -20.05
N ARG A 218 2.77 14.83 -20.01
CA ARG A 218 3.84 14.16 -19.28
C ARG A 218 3.70 14.44 -17.79
N LEU A 219 4.26 13.54 -16.99
CA LEU A 219 4.16 13.62 -15.54
C LEU A 219 5.56 13.68 -14.96
N THR A 220 5.84 14.73 -14.19
CA THR A 220 7.12 14.88 -13.52
C THR A 220 6.97 14.41 -12.08
N VAL A 221 7.51 13.22 -11.79
CA VAL A 221 7.38 12.61 -10.49
C VAL A 221 8.33 13.30 -9.51
N VAL A 222 7.80 13.67 -8.34
CA VAL A 222 8.58 14.48 -7.41
C VAL A 222 8.62 13.90 -5.99
N GLY A 223 7.84 12.85 -5.72
CA GLY A 223 7.81 12.30 -4.38
C GLY A 223 7.07 10.97 -4.31
N THR A 224 7.34 10.23 -3.23
CA THR A 224 6.65 8.97 -2.97
C THR A 224 6.67 8.70 -1.48
N ASP A 225 5.56 8.18 -0.94
CA ASP A 225 5.54 7.66 0.43
C ASP A 225 6.02 8.71 1.45
N GLY A 226 5.74 9.98 1.20
CA GLY A 226 6.11 11.02 2.14
C GLY A 226 7.55 11.49 2.05
N ARG A 227 8.25 11.17 0.97
CA ARG A 227 9.65 11.55 0.82
C ARG A 227 9.93 12.00 -0.61
N TYR A 228 10.52 13.19 -0.75
CA TYR A 228 10.83 13.73 -2.07
C TYR A 228 11.79 12.83 -2.83
N LEU A 229 11.53 12.70 -4.14
CA LEU A 229 12.33 11.96 -5.09
C LEU A 229 13.12 12.91 -5.98
N ARG A 230 14.23 12.43 -6.49
CA ARG A 230 14.93 13.12 -7.57
C ARG A 230 14.00 13.22 -8.78
N PRO A 231 13.60 14.42 -9.20
CA PRO A 231 12.53 14.53 -10.20
C PRO A 231 12.89 13.87 -11.52
N PHE A 232 11.88 13.26 -12.15
CA PHE A 232 12.02 12.67 -13.46
C PHE A 232 10.65 12.70 -14.14
N THR A 233 10.67 12.85 -15.46
CA THR A 233 9.45 13.03 -16.25
C THR A 233 9.21 11.81 -17.12
N VAL A 234 7.96 11.34 -17.15
CA VAL A 234 7.59 10.08 -17.81
C VAL A 234 6.23 10.24 -18.47
N ASP A 235 5.89 9.26 -19.29
CA ASP A 235 4.57 9.21 -19.92
C ASP A 235 3.58 8.40 -19.11
N TYR A 236 4.06 7.53 -18.23
CA TYR A 236 3.20 6.68 -17.40
C TYR A 236 3.95 6.36 -16.12
N ILE A 237 3.20 5.99 -15.09
CA ILE A 237 3.79 5.52 -13.84
C ILE A 237 3.28 4.11 -13.56
N LEU A 238 4.00 3.43 -12.69
CA LEU A 238 3.56 2.22 -12.04
C LEU A 238 3.41 2.52 -10.56
N ILE A 239 2.30 2.08 -9.96
CA ILE A 239 2.05 2.32 -8.55
C ILE A 239 1.40 1.10 -7.95
N SER A 240 1.95 0.61 -6.81
CA SER A 240 1.49 -0.60 -6.18
C SER A 240 0.62 -0.27 -4.97
N PRO A 241 -0.30 -1.16 -4.61
CA PRO A 241 -1.13 -0.91 -3.43
C PRO A 241 -0.27 -0.58 -2.21
N GLY A 242 -0.66 0.47 -1.49
CA GLY A 242 0.15 0.95 -0.39
C GLY A 242 0.98 2.18 -0.75
N GLN A 243 1.47 2.23 -1.99
CA GLN A 243 2.33 3.34 -2.39
C GLN A 243 1.51 4.58 -2.69
N THR A 244 2.15 5.74 -2.50
CA THR A 244 1.69 6.98 -3.09
C THR A 244 2.80 7.53 -3.99
N MET A 245 2.40 8.28 -5.01
CA MET A 245 3.31 8.92 -5.95
C MET A 245 2.78 10.32 -6.25
N ASN A 246 3.63 11.32 -6.07
CA ASN A 246 3.27 12.71 -6.37
C ASN A 246 3.92 13.13 -7.68
N MET A 247 3.17 13.83 -8.52
CA MET A 247 3.73 14.23 -9.80
C MET A 247 3.07 15.52 -10.26
N LEU A 248 3.85 16.32 -10.99
CA LEU A 248 3.38 17.58 -11.54
C LEU A 248 2.87 17.37 -12.96
N LEU A 249 1.70 17.93 -13.25
CA LEU A 249 1.13 17.94 -14.59
C LEU A 249 1.07 19.37 -15.08
N GLU A 250 1.66 19.62 -16.24
CA GLU A 250 1.74 20.96 -16.83
C GLU A 250 0.66 21.06 -17.90
N ALA A 251 -0.33 21.93 -17.68
CA ALA A 251 -1.50 22.02 -18.56
C ALA A 251 -1.24 23.08 -19.63
N ASN A 252 -0.55 22.68 -20.70
CA ASN A 252 -0.18 23.62 -21.75
C ASN A 252 -0.70 23.20 -23.12
N CYS A 253 -1.72 22.36 -23.17
CA CYS A 253 -2.39 22.08 -24.44
C CYS A 253 -3.15 23.32 -24.91
N ALA A 254 -3.27 23.46 -26.23
CA ALA A 254 -3.84 24.67 -26.81
C ALA A 254 -5.32 24.80 -26.48
N THR A 255 -5.69 25.96 -25.95
CA THR A 255 -7.07 26.23 -25.55
C THR A 255 -7.82 27.10 -26.55
N ASP A 256 -7.28 27.28 -27.76
CA ASP A 256 -7.88 28.11 -28.79
C ASP A 256 -8.81 27.33 -29.71
N GLY A 257 -9.06 26.06 -29.42
CA GLY A 257 -9.88 25.21 -30.26
C GLY A 257 -9.10 24.32 -31.20
N SER A 258 -7.78 24.50 -31.31
CA SER A 258 -6.98 23.67 -32.20
C SER A 258 -6.65 22.31 -31.62
N ALA A 259 -7.04 22.04 -30.38
CA ALA A 259 -6.77 20.76 -29.72
C ALA A 259 -7.98 20.36 -28.91
N ASN A 260 -8.06 19.06 -28.61
CA ASN A 260 -9.07 18.56 -27.69
C ASN A 260 -8.98 19.33 -26.36
N SER A 261 -10.13 19.58 -25.75
CA SER A 261 -10.15 20.22 -24.44
C SER A 261 -10.31 19.21 -23.30
N ARG A 262 -10.50 17.93 -23.60
CA ARG A 262 -10.70 16.91 -22.59
C ARG A 262 -9.70 15.78 -22.83
N TYR A 263 -9.06 15.32 -21.74
CA TYR A 263 -8.04 14.28 -21.83
C TYR A 263 -8.33 13.23 -20.76
N TYR A 264 -8.20 11.97 -21.15
CA TYR A 264 -8.45 10.88 -20.21
C TYR A 264 -7.24 10.69 -19.32
N MET A 265 -7.48 10.71 -18.02
CA MET A 265 -6.64 10.07 -17.03
C MET A 265 -7.06 8.60 -16.99
N ALA A 266 -6.10 7.67 -17.02
CA ALA A 266 -6.49 6.26 -17.07
C ALA A 266 -5.51 5.38 -16.30
N ALA A 267 -6.05 4.31 -15.74
CA ALA A 267 -5.24 3.30 -15.05
C ALA A 267 -5.73 1.90 -15.44
N ARG A 268 -4.79 0.95 -15.43
CA ARG A 268 -5.08 -0.44 -15.75
C ARG A 268 -4.02 -1.31 -15.11
N PRO A 269 -4.36 -2.54 -14.70
CA PRO A 269 -3.40 -3.32 -13.91
C PRO A 269 -2.11 -3.65 -14.65
N PHE A 270 -1.05 -3.83 -13.86
CA PHE A 270 0.13 -4.56 -14.26
C PHE A 270 0.01 -5.94 -13.63
N PHE A 271 -0.06 -6.98 -14.46
CA PHE A 271 -0.35 -8.31 -13.96
C PHE A 271 0.20 -9.32 -14.94
N THR A 272 0.96 -10.30 -14.44
CA THR A 272 1.67 -11.23 -15.32
C THR A 272 1.19 -12.67 -15.23
N ASN A 273 0.42 -13.03 -14.21
CA ASN A 273 -0.01 -14.41 -14.02
C ASN A 273 -1.11 -14.77 -15.01
N THR A 274 -0.72 -15.19 -16.21
CA THR A 274 -1.69 -15.42 -17.27
C THR A 274 -2.65 -16.56 -16.98
N ALA A 275 -2.44 -17.30 -15.89
CA ALA A 275 -3.32 -18.42 -15.54
C ALA A 275 -4.49 -18.01 -14.65
N VAL A 276 -4.36 -16.92 -13.89
CA VAL A 276 -5.33 -16.54 -12.87
C VAL A 276 -6.12 -15.32 -13.36
N ASN A 277 -7.39 -15.24 -12.96
CA ASN A 277 -8.22 -14.15 -13.42
C ASN A 277 -7.84 -12.83 -12.75
N VAL A 278 -8.18 -11.73 -13.43
CA VAL A 278 -7.83 -10.39 -12.99
C VAL A 278 -8.90 -9.42 -13.46
N ASP A 279 -9.18 -8.40 -12.64
CA ASP A 279 -10.02 -7.28 -13.06
C ASP A 279 -9.17 -6.40 -13.96
N ASP A 280 -9.13 -6.73 -15.25
CA ASP A 280 -8.28 -6.02 -16.20
C ASP A 280 -8.95 -4.79 -16.78
N LYS A 281 -10.09 -4.39 -16.23
CA LYS A 281 -10.81 -3.24 -16.76
C LYS A 281 -10.06 -1.96 -16.45
N ASN A 282 -9.95 -1.09 -17.46
CA ASN A 282 -9.34 0.19 -17.15
C ASN A 282 -10.32 1.05 -16.36
N THR A 283 -9.79 2.06 -15.70
CA THR A 283 -10.59 3.08 -15.06
C THR A 283 -10.15 4.41 -15.63
N THR A 284 -11.10 5.33 -15.80
CA THR A 284 -10.84 6.61 -16.44
C THR A 284 -11.43 7.76 -15.65
N ALA A 285 -10.79 8.91 -15.79
CA ALA A 285 -11.26 10.20 -15.29
C ALA A 285 -10.90 11.23 -16.35
N ILE A 286 -11.47 12.42 -16.25
CA ILE A 286 -11.35 13.42 -17.32
C ILE A 286 -10.67 14.68 -16.78
N VAL A 287 -9.58 15.06 -17.45
CA VAL A 287 -8.98 16.37 -17.28
C VAL A 287 -9.56 17.27 -18.37
N GLU A 288 -10.15 18.39 -17.97
CA GLU A 288 -10.88 19.26 -18.89
C GLU A 288 -10.32 20.68 -18.80
N TYR A 289 -9.94 21.23 -19.96
CA TYR A 289 -9.55 22.63 -20.05
C TYR A 289 -10.82 23.48 -20.07
N THR A 290 -11.08 24.19 -18.99
CA THR A 290 -12.36 24.88 -18.88
C THR A 290 -12.41 26.16 -19.71
N ASP A 291 -11.28 26.87 -19.84
CA ASP A 291 -11.26 28.14 -20.56
C ASP A 291 -11.19 27.97 -22.08
N ALA A 292 -11.66 26.84 -22.61
CA ALA A 292 -11.59 26.50 -24.02
C ALA A 292 -12.96 26.58 -24.67
N PRO A 293 -13.03 26.69 -26.00
CA PRO A 293 -14.33 26.83 -26.65
C PRO A 293 -15.14 25.54 -26.57
N PRO A 294 -16.48 25.65 -26.55
CA PRO A 294 -17.30 24.43 -26.45
C PRO A 294 -17.09 23.45 -27.59
N SER A 295 -16.62 23.92 -28.75
CA SER A 295 -16.36 23.01 -29.87
C SER A 295 -15.22 22.05 -29.57
N ALA A 296 -14.30 22.44 -28.68
CA ALA A 296 -13.12 21.61 -28.42
C ALA A 296 -13.46 20.34 -27.65
N SER A 297 -14.60 20.31 -26.95
CA SER A 297 -15.03 19.12 -26.22
C SER A 297 -16.07 18.33 -27.02
N ALA A 298 -16.02 18.43 -28.35
CA ALA A 298 -17.08 17.83 -29.17
C ALA A 298 -17.01 16.31 -29.13
N GLY A 299 -15.84 15.73 -29.42
CA GLY A 299 -15.69 14.30 -29.47
C GLY A 299 -15.27 13.73 -28.13
N PRO A 300 -14.87 12.47 -28.11
CA PRO A 300 -14.43 11.84 -26.86
C PRO A 300 -13.12 12.44 -26.39
N PRO A 301 -12.83 12.37 -25.09
CA PRO A 301 -11.50 12.80 -24.62
C PRO A 301 -10.42 11.95 -25.27
N ASP A 302 -9.25 12.56 -25.46
CA ASP A 302 -8.09 11.82 -25.91
C ASP A 302 -7.74 10.73 -24.90
N SER A 303 -7.17 9.61 -25.41
CA SER A 303 -6.81 8.50 -24.54
C SER A 303 -5.29 8.32 -24.50
N PRO A 304 -4.74 8.03 -23.33
CA PRO A 304 -3.31 7.75 -23.24
C PRO A 304 -2.99 6.34 -23.75
N ASP A 305 -1.72 6.15 -24.09
CA ASP A 305 -1.18 4.82 -24.36
C ASP A 305 -0.75 4.22 -23.03
N LEU A 306 -1.45 3.18 -22.58
CA LEU A 306 -0.95 2.51 -21.39
C LEU A 306 -0.13 1.28 -21.78
N PRO A 307 0.92 0.96 -21.03
CA PRO A 307 1.63 -0.30 -21.28
C PRO A 307 0.66 -1.47 -21.19
N ALA A 308 0.97 -2.52 -21.93
CA ALA A 308 0.16 -3.73 -21.84
C ALA A 308 0.21 -4.29 -20.42
N MET A 309 -0.85 -5.00 -20.05
CA MET A 309 -0.98 -5.49 -18.68
C MET A 309 0.19 -6.37 -18.27
N ASP A 310 0.76 -7.14 -19.19
CA ASP A 310 1.85 -8.03 -18.83
C ASP A 310 3.22 -7.46 -19.18
N ASP A 311 3.32 -6.14 -19.37
CA ASP A 311 4.57 -5.51 -19.80
C ASP A 311 5.49 -5.32 -18.59
N ILE A 312 6.24 -6.38 -18.26
CA ILE A 312 7.19 -6.31 -17.15
C ILE A 312 8.27 -5.26 -17.43
N ALA A 313 8.70 -5.14 -18.69
CA ALA A 313 9.74 -4.17 -19.00
C ALA A 313 9.30 -2.76 -18.68
N ALA A 314 8.03 -2.43 -18.95
CA ALA A 314 7.52 -1.10 -18.64
C ALA A 314 7.47 -0.86 -17.14
N ALA A 315 7.07 -1.88 -16.37
CA ALA A 315 7.10 -1.76 -14.92
C ALA A 315 8.52 -1.54 -14.41
N THR A 316 9.44 -2.42 -14.84
CA THR A 316 10.84 -2.31 -14.42
C THR A 316 11.40 -0.94 -14.77
N ALA A 317 11.05 -0.41 -15.94
CA ALA A 317 11.61 0.85 -16.41
C ALA A 317 11.16 2.03 -15.55
N TYR A 318 9.92 1.99 -15.08
CA TYR A 318 9.49 3.04 -14.15
C TYR A 318 10.20 2.89 -12.80
N THR A 319 10.16 1.69 -12.21
CA THR A 319 10.69 1.52 -10.86
C THR A 319 12.18 1.85 -10.79
N ALA A 320 12.91 1.58 -11.87
CA ALA A 320 14.34 1.86 -11.93
C ALA A 320 14.67 3.33 -11.77
N GLN A 321 13.72 4.22 -12.01
CA GLN A 321 13.99 5.66 -11.96
C GLN A 321 13.84 6.26 -10.57
N LEU A 322 13.37 5.51 -9.58
CA LEU A 322 13.09 6.06 -8.26
C LEU A 322 14.39 6.25 -7.50
N ARG A 323 14.66 7.49 -7.09
CA ARG A 323 15.83 7.84 -6.30
C ARG A 323 15.43 8.95 -5.34
N SER A 324 15.91 8.87 -4.10
CA SER A 324 15.62 9.92 -3.13
C SER A 324 16.21 11.23 -3.61
N LEU A 325 15.48 12.32 -3.35
CA LEU A 325 16.04 13.66 -3.50
C LEU A 325 17.03 13.89 -2.36
N VAL A 326 18.28 14.24 -2.68
CA VAL A 326 19.29 14.48 -1.66
C VAL A 326 19.81 15.90 -1.84
N THR A 327 19.42 16.79 -0.92
CA THR A 327 19.87 18.18 -0.91
C THR A 327 20.16 18.60 0.53
N LYS A 328 20.64 19.84 0.69
CA LYS A 328 20.86 20.35 2.04
C LYS A 328 19.54 20.43 2.81
N GLU A 329 18.46 20.84 2.14
CA GLU A 329 17.17 20.92 2.79
C GLU A 329 16.55 19.55 3.02
N HIS A 330 16.89 18.58 2.17
CA HIS A 330 16.31 17.23 2.26
C HIS A 330 17.45 16.23 2.24
N PRO A 331 18.11 16.04 3.38
CA PRO A 331 19.22 15.09 3.44
C PRO A 331 18.74 13.67 3.61
N ILE A 332 19.69 12.76 3.44
CA ILE A 332 19.49 11.32 3.43
C ILE A 332 20.45 10.71 4.43
N ASP A 333 20.10 9.55 4.96
CA ASP A 333 20.96 8.88 5.94
C ASP A 333 20.89 7.38 5.65
N VAL A 334 21.59 6.96 4.60
CA VAL A 334 21.65 5.55 4.22
C VAL A 334 22.50 4.80 5.23
N PRO A 335 21.98 3.76 5.89
CA PRO A 335 22.81 2.98 6.82
C PRO A 335 23.87 2.22 6.05
N MET A 336 25.13 2.44 6.42
CA MET A 336 26.26 1.93 5.65
C MET A 336 26.83 0.63 6.19
N GLU A 337 26.74 0.40 7.50
CA GLU A 337 27.29 -0.79 8.13
C GLU A 337 26.13 -1.57 8.76
N VAL A 338 25.81 -2.68 8.16
CA VAL A 338 24.64 -3.48 8.53
C VAL A 338 24.98 -4.32 9.75
N ASP A 339 24.07 -4.36 10.72
CA ASP A 339 24.26 -5.22 11.89
C ASP A 339 23.75 -6.64 11.66
N GLU A 340 22.70 -6.79 10.86
CA GLU A 340 22.06 -8.09 10.71
C GLU A 340 21.43 -8.16 9.33
N HIS A 341 21.63 -9.28 8.65
CA HIS A 341 21.06 -9.51 7.33
C HIS A 341 19.91 -10.50 7.44
N MET A 342 18.82 -10.21 6.74
CA MET A 342 17.72 -11.14 6.61
C MET A 342 17.49 -11.44 5.14
N LEU A 343 17.24 -12.71 4.84
CA LEU A 343 16.70 -13.11 3.54
C LEU A 343 15.31 -13.63 3.81
N VAL A 344 14.32 -13.06 3.12
CA VAL A 344 12.92 -13.37 3.40
C VAL A 344 12.27 -13.85 2.10
N THR A 345 11.97 -15.14 2.02
CA THR A 345 11.32 -15.67 0.84
C THR A 345 9.83 -15.40 0.94
N ILE A 346 9.25 -14.99 -0.17
CA ILE A 346 7.85 -14.61 -0.28
C ILE A 346 7.19 -15.64 -1.17
N SER A 347 6.20 -16.36 -0.65
CA SER A 347 5.54 -17.37 -1.47
C SER A 347 4.03 -17.35 -1.26
N VAL A 348 3.31 -17.65 -2.33
CA VAL A 348 1.93 -18.12 -2.26
C VAL A 348 2.01 -19.64 -2.12
N ASN A 349 1.13 -20.22 -1.29
CA ASN A 349 1.27 -21.59 -0.86
C ASN A 349 -0.10 -22.26 -0.83
N THR A 350 -0.09 -23.54 -0.47
CA THR A 350 -1.30 -24.21 -0.01
C THR A 350 -1.05 -24.81 1.37
N ILE A 351 -2.15 -25.08 2.06
CA ILE A 351 -2.14 -25.95 3.24
C ILE A 351 -3.20 -27.01 2.99
N PRO A 352 -3.11 -28.16 3.68
CA PRO A 352 -4.11 -29.21 3.47
C PRO A 352 -5.52 -28.70 3.75
N CYS A 353 -6.46 -29.13 2.91
CA CYS A 353 -7.86 -28.90 3.20
C CYS A 353 -8.21 -29.57 4.52
N GLU A 354 -9.09 -28.92 5.28
CA GLU A 354 -9.54 -29.48 6.54
C GLU A 354 -10.29 -30.80 6.30
N PRO A 355 -10.38 -31.65 7.32
CA PRO A 355 -11.02 -32.96 7.11
C PRO A 355 -12.49 -32.83 6.74
N ASN A 356 -12.94 -33.74 5.88
CA ASN A 356 -14.35 -33.89 5.50
C ASN A 356 -14.86 -32.67 4.76
N LYS A 357 -13.99 -32.07 3.96
CA LYS A 357 -14.30 -30.87 3.22
C LYS A 357 -13.54 -30.92 1.90
N THR A 358 -14.09 -30.27 0.89
CA THR A 358 -13.40 -30.11 -0.39
C THR A 358 -13.07 -28.64 -0.58
N CYS A 359 -11.81 -28.36 -0.91
CA CYS A 359 -11.34 -26.98 -1.05
C CYS A 359 -11.09 -26.67 -2.52
N ALA A 360 -11.04 -25.37 -2.83
CA ALA A 360 -11.03 -24.90 -4.20
C ALA A 360 -9.68 -24.35 -4.66
N GLY A 361 -8.65 -24.40 -3.82
CA GLY A 361 -7.34 -23.94 -4.22
C GLY A 361 -6.61 -24.97 -5.04
N PRO A 362 -5.36 -24.67 -5.35
CA PRO A 362 -4.54 -25.59 -6.16
C PRO A 362 -4.53 -27.00 -5.58
N GLY A 363 -4.72 -27.98 -6.44
CA GLY A 363 -4.79 -29.37 -5.98
C GLY A 363 -5.91 -29.65 -5.02
N ASN A 364 -6.98 -28.83 -5.04
CA ASN A 364 -8.08 -28.90 -4.07
C ASN A 364 -7.58 -28.77 -2.63
N ASN A 365 -6.44 -28.09 -2.45
CA ASN A 365 -5.97 -27.68 -1.15
C ASN A 365 -6.51 -26.28 -0.83
N ARG A 366 -6.09 -25.73 0.31
CA ARG A 366 -6.50 -24.39 0.75
C ARG A 366 -5.39 -23.40 0.46
N LEU A 367 -5.72 -22.26 -0.13
CA LEU A 367 -4.68 -21.27 -0.42
C LEU A 367 -4.15 -20.67 0.88
N ALA A 368 -2.86 -20.32 0.85
CA ALA A 368 -2.17 -19.69 1.98
C ALA A 368 -0.99 -18.91 1.41
N ALA A 369 -0.21 -18.31 2.29
CA ALA A 369 0.95 -17.51 1.86
C ALA A 369 1.92 -17.44 3.03
N SER A 370 3.19 -17.11 2.73
CA SER A 370 4.18 -17.23 3.78
C SER A 370 5.35 -16.30 3.55
N LEU A 371 6.05 -16.00 4.65
CA LEU A 371 7.37 -15.36 4.63
C LEU A 371 8.32 -16.32 5.31
N ASN A 372 9.43 -16.64 4.64
CA ASN A 372 10.36 -17.68 5.09
C ASN A 372 9.61 -18.95 5.53
N ASN A 373 8.59 -19.28 4.74
CA ASN A 373 7.77 -20.48 4.90
C ASN A 373 7.02 -20.55 6.22
N VAL A 374 6.76 -19.40 6.84
CA VAL A 374 5.84 -19.34 7.97
C VAL A 374 4.61 -18.55 7.51
N SER A 375 3.44 -19.17 7.58
CA SER A 375 2.19 -18.53 7.18
C SER A 375 1.60 -17.87 8.41
N PHE A 376 1.61 -16.54 8.45
CA PHE A 376 1.25 -15.81 9.65
C PHE A 376 -0.22 -16.00 10.00
N MET A 377 -0.49 -16.29 11.27
CA MET A 377 -1.83 -16.47 11.81
C MET A 377 -2.05 -15.43 12.90
N ASN A 378 -3.10 -14.63 12.76
CA ASN A 378 -3.37 -13.61 13.76
C ASN A 378 -3.61 -14.26 15.12
N PRO A 379 -3.16 -13.65 16.21
CA PRO A 379 -3.55 -14.11 17.54
C PRO A 379 -4.91 -13.55 17.90
N THR A 380 -5.43 -13.98 19.05
CA THR A 380 -6.68 -13.40 19.57
C THR A 380 -6.43 -12.36 20.66
N ILE A 381 -5.27 -12.39 21.29
CA ILE A 381 -4.76 -11.27 22.06
C ILE A 381 -3.76 -10.56 21.16
N ASP A 382 -3.93 -9.25 20.95
CA ASP A 382 -3.05 -8.59 20.00
C ASP A 382 -1.60 -8.64 20.49
N ILE A 383 -0.67 -8.72 19.52
CA ILE A 383 0.75 -8.86 19.83
C ILE A 383 1.22 -7.80 20.81
N LEU A 384 0.81 -6.55 20.59
CA LEU A 384 1.34 -5.46 21.39
C LEU A 384 0.97 -5.60 22.87
N ASP A 385 -0.30 -5.91 23.16
CA ASP A 385 -0.68 -6.18 24.55
C ASP A 385 0.09 -7.37 25.12
N ALA A 386 0.28 -8.43 24.33
CA ALA A 386 1.03 -9.59 24.82
C ALA A 386 2.47 -9.23 25.13
N TYR A 387 3.09 -8.44 24.26
CA TYR A 387 4.44 -7.93 24.52
C TYR A 387 4.45 -7.06 25.79
N TYR A 388 3.51 -6.13 25.90
CA TYR A 388 3.50 -5.19 27.02
C TYR A 388 3.31 -5.89 28.35
N ASP A 389 2.40 -6.87 28.40
CA ASP A 389 2.05 -7.56 29.64
C ASP A 389 2.82 -8.87 29.81
N SER A 390 3.73 -9.21 28.89
CA SER A 390 4.50 -10.45 28.92
C SER A 390 3.59 -11.67 29.01
N ILE A 391 2.61 -11.72 28.11
CA ILE A 391 1.61 -12.79 28.09
C ILE A 391 2.14 -13.94 27.25
N SER A 392 2.32 -15.10 27.87
CA SER A 392 2.86 -16.24 27.15
C SER A 392 1.80 -16.89 26.28
N GLY A 393 2.26 -17.66 25.30
CA GLY A 393 1.36 -18.44 24.49
C GLY A 393 0.63 -17.67 23.41
N VAL A 394 1.09 -16.47 23.07
CA VAL A 394 0.47 -15.65 22.03
C VAL A 394 1.30 -15.65 20.76
N TYR A 395 2.59 -15.35 20.88
CA TYR A 395 3.47 -15.36 19.72
C TYR A 395 4.78 -16.02 20.10
N GLU A 396 5.55 -16.39 19.07
CA GLU A 396 6.86 -16.98 19.26
C GLU A 396 7.91 -16.04 18.68
N PRO A 397 8.93 -15.67 19.45
CA PRO A 397 9.86 -14.64 18.99
C PRO A 397 11.01 -15.20 18.18
N ASP A 398 10.73 -16.12 17.26
CA ASP A 398 11.82 -16.77 16.53
C ASP A 398 11.56 -16.78 15.03
N PHE A 399 10.97 -15.72 14.49
CA PHE A 399 10.89 -15.61 13.05
C PHE A 399 12.30 -15.65 12.47
N PRO A 400 12.58 -16.51 11.50
CA PRO A 400 13.97 -16.75 11.08
C PRO A 400 14.50 -15.69 10.14
N ASN A 401 15.84 -15.51 10.20
CA ASN A 401 16.54 -14.58 9.35
C ASN A 401 16.75 -15.09 7.93
N LYS A 402 16.46 -16.36 7.67
CA LYS A 402 16.73 -17.02 6.40
C LYS A 402 15.66 -18.07 6.18
N PRO A 403 15.36 -18.43 4.94
CA PRO A 403 14.40 -19.51 4.71
C PRO A 403 14.97 -20.82 5.24
N PRO A 404 14.09 -21.73 5.70
CA PRO A 404 14.59 -22.96 6.32
C PRO A 404 15.17 -23.94 5.33
N PHE A 405 14.83 -23.82 4.06
CA PHE A 405 15.33 -24.73 3.02
C PHE A 405 15.65 -23.89 1.79
N PHE A 406 16.91 -23.84 1.43
CA PHE A 406 17.32 -23.13 0.23
C PHE A 406 17.10 -24.00 -1.00
N PHE A 407 16.56 -23.40 -2.04
CA PHE A 407 16.35 -24.05 -3.33
C PHE A 407 16.44 -22.96 -4.40
N ASN A 408 16.22 -23.36 -5.66
CA ASN A 408 16.29 -22.43 -6.79
C ASN A 408 14.97 -21.66 -6.79
N PHE A 409 14.94 -20.61 -5.95
CA PHE A 409 13.69 -19.94 -5.59
C PHE A 409 12.85 -19.55 -6.79
N THR A 410 13.47 -19.00 -7.83
CA THR A 410 12.74 -18.42 -8.95
C THR A 410 12.67 -19.34 -10.16
N ALA A 411 13.09 -20.59 -10.02
CA ALA A 411 12.94 -21.55 -11.11
C ALA A 411 11.47 -21.83 -11.35
N PRO A 412 10.97 -21.69 -12.58
CA PRO A 412 9.53 -21.81 -12.83
C PRO A 412 9.01 -23.21 -12.54
N ASN A 413 7.71 -23.26 -12.25
CA ASN A 413 6.98 -24.49 -12.00
C ASN A 413 7.69 -25.46 -11.04
N PRO A 414 7.94 -25.06 -9.80
CA PRO A 414 8.57 -25.95 -8.84
C PRO A 414 7.69 -27.16 -8.57
N PRO A 415 8.25 -28.24 -8.04
CA PRO A 415 7.45 -29.44 -7.82
C PRO A 415 6.36 -29.22 -6.78
N GLN A 416 5.24 -29.93 -6.95
CA GLN A 416 4.04 -29.74 -6.15
C GLN A 416 4.29 -29.87 -4.66
N ASP A 417 5.32 -30.62 -4.23
CA ASP A 417 5.63 -30.75 -2.82
C ASP A 417 6.02 -29.40 -2.21
N LEU A 418 6.60 -28.52 -3.01
CA LEU A 418 7.04 -27.23 -2.49
C LEU A 418 5.90 -26.24 -2.33
N TRP A 419 4.66 -26.64 -2.64
CA TRP A 419 3.54 -25.72 -2.48
C TRP A 419 3.21 -25.48 -1.02
N PHE A 420 3.46 -26.45 -0.16
CA PHE A 420 2.86 -26.42 1.17
C PHE A 420 3.65 -25.56 2.13
N THR A 421 2.92 -25.00 3.10
CA THR A 421 3.53 -24.17 4.15
C THR A 421 2.92 -24.59 5.48
N LYS A 422 3.23 -23.83 6.52
CA LYS A 422 2.83 -24.14 7.88
C LYS A 422 2.47 -22.85 8.61
N ARG A 423 1.34 -22.86 9.30
CA ARG A 423 0.90 -21.64 9.99
C ARG A 423 1.68 -21.43 11.28
N GLY A 424 1.78 -20.17 11.69
CA GLY A 424 2.43 -19.84 12.95
C GLY A 424 2.25 -18.36 13.22
N THR A 425 2.61 -17.97 14.44
CA THR A 425 2.54 -16.57 14.86
C THR A 425 3.93 -16.20 15.39
N LYS A 426 4.85 -15.94 14.47
CA LYS A 426 6.24 -15.72 14.82
C LYS A 426 6.61 -14.26 14.55
N VAL A 427 7.43 -13.70 15.43
CA VAL A 427 7.88 -12.32 15.30
C VAL A 427 9.40 -12.31 15.38
N LYS A 428 9.97 -11.21 14.90
CA LYS A 428 11.41 -10.98 14.94
C LYS A 428 11.68 -9.87 15.95
N VAL A 429 12.48 -10.17 16.96
CA VAL A 429 12.76 -9.22 18.04
C VAL A 429 14.16 -8.66 17.81
N VAL A 430 14.28 -7.33 17.80
CA VAL A 430 15.57 -6.68 17.62
C VAL A 430 15.77 -5.62 18.70
N GLU A 431 17.02 -5.39 19.05
CA GLU A 431 17.37 -4.32 19.96
C GLU A 431 17.23 -2.98 19.27
N TYR A 432 16.92 -1.96 20.07
CA TYR A 432 16.82 -0.61 19.54
C TYR A 432 18.09 -0.21 18.84
N GLY A 433 17.95 0.37 17.65
CA GLY A 433 19.10 0.85 16.89
C GLY A 433 19.73 -0.16 15.97
N THR A 434 19.25 -1.39 15.95
CA THR A 434 19.81 -2.41 15.06
C THR A 434 19.64 -1.97 13.61
N ILE A 435 20.72 -2.07 12.83
CA ILE A 435 20.64 -1.76 11.41
C ILE A 435 20.39 -3.06 10.65
N LEU A 436 19.24 -3.14 9.97
CA LEU A 436 18.85 -4.33 9.24
C LEU A 436 18.99 -4.10 7.74
N GLU A 437 19.52 -5.11 7.04
CA GLU A 437 19.31 -5.25 5.61
C GLU A 437 18.36 -6.42 5.42
N VAL A 438 17.19 -6.14 4.86
CA VAL A 438 16.18 -7.15 4.60
C VAL A 438 16.12 -7.34 3.09
N VAL A 439 16.35 -8.57 2.63
CA VAL A 439 16.29 -8.90 1.21
C VAL A 439 15.05 -9.74 1.00
N PHE A 440 14.09 -9.19 0.26
CA PHE A 440 12.87 -9.90 -0.13
C PHE A 440 13.15 -10.72 -1.37
N GLN A 441 12.85 -12.01 -1.31
CA GLN A 441 13.09 -12.91 -2.43
C GLN A 441 11.77 -13.54 -2.85
N ASP A 442 11.24 -13.13 -4.00
CA ASP A 442 10.09 -13.83 -4.56
C ASP A 442 10.46 -15.26 -4.91
N THR A 443 9.53 -16.20 -4.72
CA THR A 443 9.69 -17.54 -5.25
C THR A 443 8.70 -17.74 -6.39
N ALA A 444 8.95 -18.79 -7.16
CA ALA A 444 8.07 -19.12 -8.27
C ALA A 444 6.96 -20.08 -7.87
N ILE A 445 6.85 -20.40 -6.57
CA ILE A 445 5.82 -21.32 -6.11
C ILE A 445 4.45 -20.76 -6.46
N LEU A 446 3.67 -21.53 -7.23
CA LEU A 446 2.32 -21.16 -7.66
C LEU A 446 2.31 -19.89 -8.50
N GLY A 447 3.44 -19.53 -9.09
CA GLY A 447 3.52 -18.39 -9.98
C GLY A 447 4.37 -17.25 -9.45
N ALA A 448 5.42 -16.90 -10.18
CA ALA A 448 6.16 -15.67 -9.89
C ALA A 448 5.22 -14.49 -9.95
N GLU A 449 5.41 -13.55 -9.03
CA GLU A 449 4.47 -12.45 -8.88
C GLU A 449 5.19 -11.31 -8.17
N SER A 450 4.92 -10.09 -8.57
CA SER A 450 5.46 -8.93 -7.87
C SER A 450 4.63 -8.65 -6.62
N HIS A 451 5.27 -8.60 -5.46
CA HIS A 451 4.57 -8.36 -4.21
C HIS A 451 4.97 -7.00 -3.65
N PRO A 452 3.99 -6.14 -3.33
CA PRO A 452 4.32 -4.86 -2.70
C PRO A 452 4.49 -5.01 -1.19
N MET A 453 5.73 -5.19 -0.74
CA MET A 453 5.98 -5.42 0.67
C MET A 453 6.03 -4.10 1.43
N HIS A 454 5.35 -4.07 2.57
CA HIS A 454 5.13 -2.85 3.34
C HIS A 454 5.53 -3.07 4.79
N LEU A 455 6.22 -2.10 5.38
CA LEU A 455 6.67 -2.17 6.77
C LEU A 455 6.05 -1.01 7.54
N HIS A 456 5.25 -1.33 8.56
CA HIS A 456 4.75 -0.31 9.47
C HIS A 456 5.90 0.24 10.32
N GLY A 457 5.74 1.47 10.79
CA GLY A 457 6.65 2.03 11.78
C GLY A 457 7.92 2.64 11.22
N PHE A 458 8.20 2.44 9.94
CA PHE A 458 9.48 2.79 9.32
C PHE A 458 9.28 3.06 7.84
N SER A 459 10.09 3.96 7.29
CA SER A 459 10.46 3.86 5.89
C SER A 459 11.85 3.24 5.79
N PHE A 460 12.23 2.85 4.58
CA PHE A 460 13.48 2.13 4.37
C PHE A 460 14.08 2.52 3.03
N TYR A 461 15.39 2.34 2.91
CA TYR A 461 16.09 2.63 1.66
C TYR A 461 16.16 1.36 0.82
N VAL A 462 15.66 1.44 -0.41
CA VAL A 462 15.68 0.29 -1.31
C VAL A 462 17.00 0.38 -2.06
N VAL A 463 18.00 -0.34 -1.54
CA VAL A 463 19.37 -0.21 -2.04
C VAL A 463 19.63 -1.08 -3.24
N GLY A 464 18.81 -2.11 -3.49
CA GLY A 464 19.03 -2.93 -4.67
C GLY A 464 17.79 -3.67 -5.10
N ARG A 465 17.81 -4.12 -6.35
CA ARG A 465 16.74 -4.96 -6.88
C ARG A 465 17.27 -5.68 -8.11
N GLY A 466 16.68 -6.83 -8.39
CA GLY A 466 17.08 -7.56 -9.58
C GLY A 466 16.13 -8.72 -9.80
N PHE A 467 16.35 -9.41 -10.92
CA PHE A 467 15.58 -10.60 -11.24
C PHE A 467 16.37 -11.86 -10.91
N GLY A 468 15.65 -12.95 -10.65
CA GLY A 468 16.26 -14.19 -10.28
C GLY A 468 16.55 -14.29 -8.79
N ASN A 469 17.55 -15.09 -8.42
CA ASN A 469 17.87 -15.36 -7.03
C ASN A 469 18.94 -14.38 -6.56
N PHE A 470 18.64 -13.65 -5.49
CA PHE A 470 19.61 -12.76 -4.86
C PHE A 470 20.90 -13.51 -4.55
N ASP A 471 22.03 -12.90 -4.93
CA ASP A 471 23.36 -13.47 -4.68
C ASP A 471 24.06 -12.60 -3.65
N LYS A 472 24.16 -13.10 -2.42
CA LYS A 472 24.66 -12.30 -1.32
C LYS A 472 26.14 -11.92 -1.48
N ASP A 473 26.85 -12.59 -2.37
CA ASP A 473 28.26 -12.35 -2.59
C ASP A 473 28.54 -11.48 -3.80
N LYS A 474 27.52 -11.11 -4.59
CA LYS A 474 27.73 -10.30 -5.79
C LYS A 474 26.75 -9.15 -5.95
N ASP A 475 25.46 -9.37 -5.66
CA ASP A 475 24.50 -8.28 -5.87
C ASP A 475 24.76 -7.04 -5.02
N PRO A 476 25.22 -7.13 -3.76
CA PRO A 476 25.46 -5.89 -3.01
C PRO A 476 26.47 -4.97 -3.65
N ALA A 477 27.34 -5.50 -4.52
CA ALA A 477 28.38 -4.67 -5.14
C ALA A 477 27.81 -3.57 -6.02
N THR A 478 26.55 -3.68 -6.45
CA THR A 478 25.94 -2.64 -7.27
C THR A 478 24.74 -1.97 -6.59
N TYR A 479 24.58 -2.17 -5.27
CA TYR A 479 23.62 -1.40 -4.49
C TYR A 479 23.82 0.10 -4.71
N ASN A 480 22.71 0.83 -4.69
CA ASN A 480 22.71 2.29 -4.63
C ASN A 480 22.80 2.68 -3.15
N LEU A 481 23.97 3.12 -2.72
CA LEU A 481 24.18 3.56 -1.35
C LEU A 481 24.24 5.07 -1.23
N VAL A 482 23.85 5.78 -2.28
CA VAL A 482 23.96 7.24 -2.34
C VAL A 482 22.60 7.90 -2.29
N ASP A 483 21.72 7.58 -3.24
CA ASP A 483 20.38 8.16 -3.19
C ASP A 483 19.31 7.10 -3.46
N PRO A 484 19.33 5.95 -2.78
CA PRO A 484 18.25 4.99 -2.96
C PRO A 484 16.93 5.60 -2.56
N PRO A 485 15.83 5.18 -3.18
CA PRO A 485 14.54 5.74 -2.80
C PRO A 485 14.17 5.30 -1.39
N TYR A 486 13.53 6.20 -0.66
CA TYR A 486 13.14 6.00 0.73
C TYR A 486 11.64 5.76 0.73
N GLN A 487 11.24 4.50 0.87
CA GLN A 487 9.86 4.08 0.66
C GLN A 487 9.33 3.38 1.91
N ASN A 488 8.01 3.27 2.00
CA ASN A 488 7.41 2.40 3.00
C ASN A 488 6.83 1.13 2.39
N THR A 489 6.65 1.09 1.07
CA THR A 489 6.16 -0.07 0.35
C THR A 489 7.01 -0.23 -0.90
N VAL A 490 7.58 -1.41 -1.10
CA VAL A 490 8.50 -1.68 -2.20
C VAL A 490 7.88 -2.74 -3.10
N SER A 491 7.87 -2.46 -4.41
CA SER A 491 7.48 -3.47 -5.39
C SER A 491 8.63 -4.46 -5.54
N VAL A 492 8.49 -5.63 -4.95
CA VAL A 492 9.50 -6.68 -5.18
C VAL A 492 9.34 -7.20 -6.61
N PRO A 493 10.41 -7.34 -7.40
CA PRO A 493 10.24 -7.75 -8.80
C PRO A 493 9.57 -9.12 -8.93
N THR A 494 8.79 -9.24 -10.00
CA THR A 494 8.27 -10.54 -10.42
C THR A 494 9.42 -11.50 -10.63
N GLY A 495 9.42 -12.59 -9.87
CA GLY A 495 10.49 -13.57 -9.98
C GLY A 495 11.86 -12.98 -9.67
N GLY A 496 11.91 -12.06 -8.71
CA GLY A 496 13.17 -11.41 -8.40
C GLY A 496 13.27 -11.04 -6.94
N TRP A 497 14.11 -10.04 -6.63
CA TRP A 497 14.44 -9.70 -5.25
C TRP A 497 14.58 -8.19 -5.10
N ALA A 498 14.41 -7.71 -3.88
CA ALA A 498 14.65 -6.31 -3.55
C ALA A 498 15.29 -6.24 -2.18
N ALA A 499 16.33 -5.42 -2.06
CA ALA A 499 17.08 -5.29 -0.82
C ALA A 499 16.82 -3.91 -0.23
N MET A 500 16.57 -3.85 1.07
CA MET A 500 16.33 -2.58 1.72
C MET A 500 17.09 -2.53 3.05
N ARG A 501 17.36 -1.31 3.53
CA ARG A 501 18.04 -1.09 4.80
C ARG A 501 17.29 -0.06 5.63
N PHE A 502 17.27 -0.27 6.95
CA PHE A 502 16.73 0.74 7.85
C PHE A 502 17.32 0.54 9.22
N ARG A 503 17.37 1.63 10.00
CA ARG A 503 17.72 1.55 11.42
C ARG A 503 16.44 1.32 12.22
N ALA A 504 16.43 0.24 13.02
CA ALA A 504 15.26 -0.09 13.83
C ALA A 504 15.28 0.78 15.08
N ALA A 505 14.94 2.06 14.90
CA ALA A 505 15.03 3.04 15.98
C ALA A 505 13.66 3.58 16.37
N ASN A 506 12.63 2.73 16.28
CA ASN A 506 11.28 3.09 16.69
C ASN A 506 10.79 1.98 17.60
N PRO A 507 10.77 2.19 18.91
CA PRO A 507 10.41 1.10 19.83
C PRO A 507 8.93 0.80 19.76
N GLY A 508 8.61 -0.48 19.55
CA GLY A 508 7.22 -0.88 19.44
C GLY A 508 7.07 -2.19 18.69
N VAL A 509 5.88 -2.36 18.11
CA VAL A 509 5.44 -3.63 17.54
C VAL A 509 4.94 -3.29 16.15
N TRP A 510 5.65 -3.77 15.11
CA TRP A 510 5.50 -3.21 13.77
C TRP A 510 5.23 -4.29 12.74
N PHE A 511 4.05 -4.23 12.13
CA PHE A 511 3.63 -5.21 11.15
C PHE A 511 4.41 -5.06 9.85
N MET A 512 4.72 -6.19 9.21
CA MET A 512 5.31 -6.19 7.88
C MET A 512 4.50 -7.18 7.03
N HIS A 513 4.06 -6.76 5.85
CA HIS A 513 3.18 -7.64 5.09
C HIS A 513 3.16 -7.20 3.63
N CYS A 514 2.80 -8.16 2.76
CA CYS A 514 2.42 -7.78 1.40
C CYS A 514 1.13 -6.97 1.44
N HIS A 515 1.07 -5.91 0.65
CA HIS A 515 -0.08 -5.02 0.68
C HIS A 515 -1.18 -5.44 -0.30
N PHE A 516 -1.08 -6.63 -0.89
CA PHE A 516 -2.23 -7.30 -1.49
C PHE A 516 -3.01 -7.96 -0.35
N ASP A 517 -4.27 -7.53 -0.14
CA ASP A 517 -4.99 -7.98 1.04
C ASP A 517 -5.18 -9.49 1.06
N ARG A 518 -5.36 -10.12 -0.10
CA ARG A 518 -5.54 -11.57 -0.07
C ARG A 518 -4.29 -12.27 0.46
N HIS A 519 -3.11 -11.74 0.13
CA HIS A 519 -1.88 -12.33 0.66
C HIS A 519 -1.71 -12.00 2.14
N THR A 520 -2.12 -10.81 2.58
CA THR A 520 -2.11 -10.50 4.01
C THR A 520 -2.93 -11.52 4.79
N VAL A 521 -4.17 -11.77 4.36
CA VAL A 521 -5.00 -12.69 5.12
C VAL A 521 -4.48 -14.12 5.00
N TRP A 522 -3.89 -14.47 3.84
CA TRP A 522 -3.33 -15.81 3.67
C TRP A 522 -2.04 -16.03 4.48
N GLY A 523 -1.43 -14.98 5.02
CA GLY A 523 -0.31 -15.11 5.93
C GLY A 523 1.06 -14.60 5.44
N MET A 524 1.09 -13.79 4.38
CA MET A 524 2.34 -13.20 3.89
C MET A 524 2.79 -12.02 4.76
N ASP A 525 2.98 -12.30 6.06
CA ASP A 525 3.15 -11.25 7.06
C ASP A 525 4.12 -11.72 8.14
N THR A 526 4.67 -10.76 8.87
CA THR A 526 5.33 -11.03 10.15
C THR A 526 5.34 -9.72 10.93
N VAL A 527 6.04 -9.71 12.06
CA VAL A 527 6.03 -8.57 12.99
C VAL A 527 7.45 -8.37 13.47
N PHE A 528 7.92 -7.12 13.47
CA PHE A 528 9.13 -6.74 14.19
C PHE A 528 8.77 -6.18 15.55
N ILE A 529 9.35 -6.73 16.62
CA ILE A 529 9.27 -6.09 17.92
C ILE A 529 10.61 -5.42 18.16
N VAL A 530 10.59 -4.10 18.28
CA VAL A 530 11.80 -3.31 18.51
C VAL A 530 11.82 -2.98 19.99
N LYS A 531 12.80 -3.54 20.70
CA LYS A 531 12.86 -3.40 22.15
C LYS A 531 13.21 -1.97 22.53
N ASN A 532 12.93 -1.62 23.79
CA ASN A 532 13.29 -0.30 24.28
C ASN A 532 14.80 -0.16 24.31
N GLY A 533 15.28 1.02 23.98
CA GLY A 533 16.69 1.35 24.10
C GLY A 533 16.97 2.02 25.43
N LYS A 534 18.09 2.72 25.47
CA LYS A 534 18.47 3.47 26.66
C LYS A 534 18.09 4.93 26.45
N GLY A 535 17.47 5.52 27.46
CA GLY A 535 17.00 6.87 27.35
C GLY A 535 15.50 6.90 27.19
N PRO A 536 14.85 7.95 27.74
CA PRO A 536 13.40 8.09 27.54
C PRO A 536 12.99 8.17 26.08
N ASP A 537 13.82 8.74 25.20
CA ASP A 537 13.45 8.86 23.80
C ASP A 537 13.46 7.54 23.06
N ALA A 538 13.98 6.48 23.68
CA ALA A 538 14.01 5.16 23.07
C ALA A 538 13.04 4.21 23.76
N GLN A 539 12.06 4.76 24.49
CA GLN A 539 11.07 3.99 25.22
C GLN A 539 9.75 4.02 24.50
N MET A 540 9.15 2.85 24.32
CA MET A 540 7.77 2.80 23.84
C MET A 540 6.87 3.56 24.81
N MET A 541 5.91 4.29 24.25
CA MET A 541 4.92 4.96 25.08
C MET A 541 4.12 3.96 25.91
N PRO A 542 3.59 4.39 27.05
CA PRO A 542 2.74 3.50 27.85
C PRO A 542 1.41 3.25 27.15
N ARG A 543 0.72 2.23 27.63
CA ARG A 543 -0.56 1.86 27.03
C ARG A 543 -1.62 2.91 27.34
N PRO A 544 -2.29 3.45 26.33
CA PRO A 544 -3.38 4.39 26.60
C PRO A 544 -4.46 3.75 27.44
N PRO A 545 -5.21 4.54 28.22
CA PRO A 545 -6.16 3.95 29.16
C PRO A 545 -7.33 3.23 28.48
N ASN A 546 -7.76 3.68 27.32
CA ASN A 546 -8.97 3.09 26.78
C ASN A 546 -8.72 2.26 25.53
N MET A 547 -7.72 1.38 25.57
CA MET A 547 -7.50 0.46 24.44
C MET A 547 -8.66 -0.53 24.36
N PRO A 548 -9.11 -0.86 23.16
CA PRO A 548 -10.12 -1.92 23.00
C PRO A 548 -9.70 -3.21 23.68
N LYS A 549 -10.67 -3.86 24.31
CA LYS A 549 -10.42 -5.12 25.00
C LYS A 549 -10.40 -6.27 24.00
N CYS A 550 -9.59 -7.26 24.28
CA CYS A 550 -9.53 -8.46 23.45
C CYS A 550 -10.53 -9.49 23.92
#